data_2L0O
#
_entry.id   2L0O
#
_entity_poly.entity_id   1
_entity_poly.type   'polypeptide(L)'
_entity_poly.pdbx_seq_one_letter_code
;KKRYVAMVIWLYSAFRGVQLTYEHTMLQKK
;
_entity_poly.pdbx_strand_id   A
#
# COMPACT_ATOMS: atom_id res chain seq x y z
N LYS A 1 -9.68 18.44 4.05
CA LYS A 1 -9.82 17.04 3.67
C LYS A 1 -9.76 16.87 2.16
N LYS A 2 -9.34 15.69 1.71
CA LYS A 2 -9.23 15.41 0.29
C LYS A 2 -10.47 14.66 -0.20
N ARG A 3 -10.63 14.60 -1.52
CA ARG A 3 -11.78 13.91 -2.12
C ARG A 3 -11.31 12.91 -3.18
N TYR A 4 -10.61 13.42 -4.18
CA TYR A 4 -10.11 12.56 -5.26
C TYR A 4 -8.97 11.68 -4.78
N VAL A 5 -8.28 12.12 -3.73
CA VAL A 5 -7.17 11.37 -3.17
C VAL A 5 -7.62 10.52 -1.99
N ALA A 6 -8.53 11.08 -1.18
CA ALA A 6 -9.05 10.36 -0.02
C ALA A 6 -10.04 9.27 -0.44
N MET A 7 -10.36 9.24 -1.73
CA MET A 7 -11.29 8.25 -2.26
C MET A 7 -10.54 7.11 -2.95
N VAL A 8 -9.34 7.41 -3.43
CA VAL A 8 -8.52 6.42 -4.12
C VAL A 8 -7.34 5.99 -3.26
N ILE A 9 -7.16 6.67 -2.13
CA ILE A 9 -6.06 6.36 -1.22
C ILE A 9 -6.04 4.87 -0.87
N TRP A 10 -7.22 4.25 -0.89
CA TRP A 10 -7.33 2.83 -0.58
C TRP A 10 -6.46 2.00 -1.51
N LEU A 11 -6.54 2.28 -2.81
CA LEU A 11 -5.75 1.56 -3.80
C LEU A 11 -4.30 2.01 -3.78
N TYR A 12 -4.08 3.26 -3.43
CA TYR A 12 -2.73 3.81 -3.35
C TYR A 12 -2.01 3.34 -2.09
N SER A 13 -2.78 2.78 -1.16
CA SER A 13 -2.22 2.29 0.09
C SER A 13 -2.55 0.81 0.30
N ALA A 14 -2.80 0.10 -0.80
CA ALA A 14 -3.14 -1.31 -0.73
C ALA A 14 -2.10 -2.16 -1.47
N PHE A 15 -1.52 -1.58 -2.52
CA PHE A 15 -0.51 -2.29 -3.30
C PHE A 15 0.86 -2.19 -2.64
N ARG A 16 0.91 -1.53 -1.49
CA ARG A 16 2.17 -1.38 -0.75
C ARG A 16 2.13 -2.14 0.56
N GLY A 17 1.01 -2.03 1.27
CA GLY A 17 0.86 -2.72 2.54
C GLY A 17 0.28 -4.11 2.39
N VAL A 18 0.27 -4.62 1.16
CA VAL A 18 -0.27 -5.94 0.87
C VAL A 18 0.53 -6.65 -0.21
N GLN A 19 1.68 -6.08 -0.55
CA GLN A 19 2.54 -6.65 -1.58
C GLN A 19 4.00 -6.68 -1.12
N LEU A 20 4.65 -5.53 -1.13
CA LEU A 20 6.04 -5.42 -0.71
C LEU A 20 6.16 -5.48 0.81
N THR A 21 5.05 -5.27 1.49
CA THR A 21 5.02 -5.30 2.95
C THR A 21 4.31 -6.55 3.46
N TYR A 22 3.45 -7.11 2.63
CA TYR A 22 2.70 -8.32 3.00
C TYR A 22 3.65 -9.45 3.37
N GLU A 23 4.71 -9.62 2.58
CA GLU A 23 5.69 -10.66 2.83
C GLU A 23 6.19 -10.61 4.27
N HIS A 24 6.70 -9.46 4.69
CA HIS A 24 7.20 -9.28 6.04
C HIS A 24 8.40 -10.19 6.29
N THR A 25 9.25 -10.34 5.28
CA THR A 25 10.43 -11.18 5.39
C THR A 25 11.27 -11.13 4.11
N MET A 26 10.71 -11.64 3.02
CA MET A 26 11.41 -11.64 1.74
C MET A 26 11.30 -10.29 1.06
N LEU A 27 10.10 -9.93 0.63
CA LEU A 27 9.86 -8.65 -0.04
C LEU A 27 10.02 -7.49 0.93
N GLN A 28 9.87 -7.77 2.23
CA GLN A 28 10.00 -6.75 3.26
C GLN A 28 11.32 -6.01 3.11
N LYS A 29 12.42 -6.69 3.41
CA LYS A 29 13.74 -6.09 3.32
C LYS A 29 14.34 -6.31 1.93
N LYS A 30 13.98 -7.43 1.31
CA LYS A 30 14.48 -7.76 -0.02
C LYS A 30 15.99 -7.93 -0.01
N LYS A 1 -10.49 15.13 4.88
CA LYS A 1 -11.80 15.45 4.32
C LYS A 1 -11.71 15.63 2.81
N LYS A 2 -11.29 14.58 2.11
CA LYS A 2 -11.17 14.61 0.66
C LYS A 2 -12.34 13.88 0.01
N ARG A 3 -12.45 14.03 -1.32
CA ARG A 3 -13.52 13.39 -2.06
C ARG A 3 -12.97 12.67 -3.29
N TYR A 4 -12.25 13.41 -4.12
CA TYR A 4 -11.66 12.85 -5.34
C TYR A 4 -10.53 11.89 -5.00
N VAL A 5 -9.68 12.29 -4.06
CA VAL A 5 -8.55 11.46 -3.65
C VAL A 5 -8.89 10.65 -2.42
N ALA A 6 -10.18 10.35 -2.24
CA ALA A 6 -10.64 9.58 -1.09
C ALA A 6 -11.26 8.25 -1.55
N MET A 7 -11.74 8.22 -2.78
CA MET A 7 -12.35 7.02 -3.32
C MET A 7 -11.31 6.13 -3.99
N VAL A 8 -10.19 6.72 -4.40
CA VAL A 8 -9.12 5.98 -5.04
C VAL A 8 -7.92 5.83 -4.11
N ILE A 9 -7.98 6.49 -2.96
CA ILE A 9 -6.91 6.43 -1.98
C ILE A 9 -6.54 4.99 -1.66
N TRP A 10 -7.51 4.09 -1.77
CA TRP A 10 -7.28 2.68 -1.50
C TRP A 10 -6.18 2.12 -2.38
N LEU A 11 -6.25 2.42 -3.67
CA LEU A 11 -5.25 1.96 -4.63
C LEU A 11 -3.95 2.75 -4.49
N TYR A 12 -4.08 4.02 -4.10
CA TYR A 12 -2.92 4.89 -3.94
C TYR A 12 -2.19 4.57 -2.64
N SER A 13 -2.83 3.79 -1.78
CA SER A 13 -2.25 3.42 -0.50
C SER A 13 -2.22 1.89 -0.33
N ALA A 14 -2.20 1.18 -1.45
CA ALA A 14 -2.18 -0.28 -1.43
C ALA A 14 -0.92 -0.81 -2.09
N PHE A 15 -0.43 -0.10 -3.09
CA PHE A 15 0.77 -0.50 -3.81
C PHE A 15 2.03 -0.06 -3.06
N ARG A 16 1.83 0.58 -1.91
CA ARG A 16 2.95 1.06 -1.10
C ARG A 16 3.02 0.29 0.22
N GLY A 17 1.87 0.10 0.86
CA GLY A 17 1.83 -0.61 2.12
C GLY A 17 1.63 -2.11 1.93
N VAL A 18 1.85 -2.58 0.71
CA VAL A 18 1.69 -4.00 0.40
C VAL A 18 2.71 -4.45 -0.62
N GLN A 19 3.70 -3.61 -0.89
CA GLN A 19 4.75 -3.93 -1.86
C GLN A 19 6.12 -3.58 -1.31
N LEU A 20 6.44 -2.29 -1.29
CA LEU A 20 7.73 -1.83 -0.80
C LEU A 20 7.77 -1.87 0.74
N THR A 21 6.59 -1.96 1.35
CA THR A 21 6.49 -2.01 2.80
C THR A 21 6.11 -3.41 3.28
N TYR A 22 5.47 -4.18 2.40
CA TYR A 22 5.06 -5.53 2.73
C TYR A 22 6.24 -6.37 3.17
N GLU A 23 7.35 -6.24 2.45
CA GLU A 23 8.56 -6.99 2.75
C GLU A 23 8.93 -6.84 4.23
N HIS A 24 9.43 -7.92 4.83
CA HIS A 24 9.83 -7.91 6.23
C HIS A 24 10.38 -9.27 6.66
N THR A 25 9.65 -10.32 6.33
CA THR A 25 10.06 -11.67 6.67
C THR A 25 9.73 -12.65 5.55
N MET A 26 8.56 -12.50 4.96
CA MET A 26 8.14 -13.37 3.87
C MET A 26 8.99 -13.14 2.63
N LEU A 27 8.75 -12.02 1.94
CA LEU A 27 9.50 -11.69 0.74
C LEU A 27 10.90 -11.18 1.09
N GLN A 28 11.05 -10.68 2.31
CA GLN A 28 12.33 -10.16 2.76
C GLN A 28 13.44 -11.19 2.54
N LYS A 29 13.46 -12.22 3.38
CA LYS A 29 14.47 -13.27 3.27
C LYS A 29 13.83 -14.59 2.86
N LYS A 30 12.78 -14.51 2.05
CA LYS A 30 12.08 -15.71 1.58
C LYS A 30 11.68 -16.60 2.75
N LYS A 1 -13.99 14.68 4.08
CA LYS A 1 -13.81 15.99 3.48
C LYS A 1 -13.55 15.87 1.97
N LYS A 2 -12.92 14.79 1.57
CA LYS A 2 -12.62 14.55 0.16
C LYS A 2 -13.46 13.40 -0.39
N ARG A 3 -13.55 13.31 -1.70
CA ARG A 3 -14.32 12.25 -2.36
C ARG A 3 -13.46 11.51 -3.37
N TYR A 4 -12.62 12.24 -4.09
CA TYR A 4 -11.74 11.64 -5.09
C TYR A 4 -10.65 10.79 -4.43
N VAL A 5 -9.67 11.48 -3.84
CA VAL A 5 -8.56 10.79 -3.18
C VAL A 5 -9.05 10.02 -1.96
N ALA A 6 -10.21 10.42 -1.44
CA ALA A 6 -10.79 9.76 -0.28
C ALA A 6 -11.36 8.40 -0.63
N MET A 7 -11.47 8.13 -1.93
CA MET A 7 -12.01 6.86 -2.41
C MET A 7 -10.93 6.06 -3.13
N VAL A 8 -9.84 6.73 -3.50
CA VAL A 8 -8.74 6.08 -4.20
C VAL A 8 -7.53 5.90 -3.28
N ILE A 9 -7.62 6.48 -2.09
CA ILE A 9 -6.54 6.38 -1.12
C ILE A 9 -6.11 4.93 -0.91
N TRP A 10 -7.05 4.01 -1.06
CA TRP A 10 -6.77 2.59 -0.90
C TRP A 10 -5.64 2.14 -1.82
N LEU A 11 -5.71 2.56 -3.08
CA LEU A 11 -4.70 2.20 -4.06
C LEU A 11 -3.44 3.05 -3.87
N TYR A 12 -3.62 4.28 -3.39
CA TYR A 12 -2.50 5.18 -3.17
C TYR A 12 -1.79 4.84 -1.87
N SER A 13 -2.36 3.91 -1.11
CA SER A 13 -1.76 3.49 0.16
C SER A 13 -1.66 1.97 0.23
N ALA A 14 -1.64 1.33 -0.93
CA ALA A 14 -1.54 -0.13 -0.99
C ALA A 14 -0.27 -0.57 -1.71
N PHE A 15 0.19 0.25 -2.64
CA PHE A 15 1.40 -0.05 -3.40
C PHE A 15 2.65 0.41 -2.64
N ARG A 16 2.45 0.91 -1.43
CA ARG A 16 3.55 1.40 -0.61
C ARG A 16 3.78 0.47 0.58
N GLY A 17 2.69 -0.01 1.18
CA GLY A 17 2.80 -0.90 2.33
C GLY A 17 2.59 -2.35 1.95
N VAL A 18 2.64 -2.64 0.66
CA VAL A 18 2.46 -4.00 0.18
C VAL A 18 3.27 -4.25 -1.10
N GLN A 19 4.37 -3.54 -1.23
CA GLN A 19 5.24 -3.67 -2.40
C GLN A 19 6.70 -3.42 -2.04
N LEU A 20 7.04 -2.15 -1.86
CA LEU A 20 8.41 -1.76 -1.51
C LEU A 20 8.62 -1.84 -0.01
N THR A 21 7.54 -2.02 0.74
CA THR A 21 7.61 -2.12 2.19
C THR A 21 7.25 -3.52 2.67
N TYR A 22 6.43 -4.21 1.89
CA TYR A 22 6.01 -5.56 2.24
C TYR A 22 7.22 -6.48 2.44
N GLU A 23 8.15 -6.42 1.49
CA GLU A 23 9.36 -7.24 1.56
C GLU A 23 10.04 -7.09 2.91
N HIS A 24 10.11 -8.18 3.66
CA HIS A 24 10.75 -8.18 4.97
C HIS A 24 10.72 -9.57 5.60
N THR A 25 9.64 -10.31 5.34
CA THR A 25 9.49 -11.65 5.88
C THR A 25 8.56 -12.49 5.01
N MET A 26 7.48 -11.87 4.57
CA MET A 26 6.50 -12.57 3.73
C MET A 26 6.69 -12.20 2.26
N LEU A 27 7.94 -11.98 1.86
CA LEU A 27 8.26 -11.63 0.49
C LEU A 27 9.76 -11.46 0.30
N GLN A 28 10.42 -10.94 1.33
CA GLN A 28 11.87 -10.73 1.28
C GLN A 28 12.59 -12.00 0.85
N LYS A 29 12.54 -13.01 1.71
CA LYS A 29 13.19 -14.28 1.42
C LYS A 29 12.16 -15.35 1.02
N LYS A 30 10.97 -15.26 1.61
CA LYS A 30 9.90 -16.21 1.31
C LYS A 30 8.56 -15.49 1.24
N LYS A 1 -12.71 16.40 4.22
CA LYS A 1 -13.53 15.36 3.60
C LYS A 1 -13.31 15.32 2.09
N LYS A 2 -12.52 14.37 1.64
CA LYS A 2 -12.23 14.22 0.22
C LYS A 2 -13.04 13.09 -0.39
N ARG A 3 -13.12 13.06 -1.72
CA ARG A 3 -13.86 12.02 -2.42
C ARG A 3 -13.02 11.39 -3.52
N TYR A 4 -12.24 12.21 -4.21
CA TYR A 4 -11.38 11.73 -5.28
C TYR A 4 -10.21 10.92 -4.73
N VAL A 5 -9.28 11.62 -4.08
CA VAL A 5 -8.11 10.96 -3.50
C VAL A 5 -8.50 10.11 -2.30
N ALA A 6 -9.62 10.46 -1.67
CA ALA A 6 -10.11 9.72 -0.51
C ALA A 6 -10.71 8.37 -0.92
N MET A 7 -10.82 8.16 -2.22
CA MET A 7 -11.38 6.91 -2.74
C MET A 7 -10.30 6.06 -3.39
N VAL A 8 -9.18 6.68 -3.73
CA VAL A 8 -8.06 5.98 -4.35
C VAL A 8 -6.88 5.85 -3.40
N ILE A 9 -6.95 6.57 -2.28
CA ILE A 9 -5.90 6.55 -1.29
C ILE A 9 -5.55 5.11 -0.90
N TRP A 10 -6.54 4.22 -0.97
CA TRP A 10 -6.34 2.82 -0.62
C TRP A 10 -5.20 2.21 -1.45
N LEU A 11 -5.21 2.49 -2.75
CA LEU A 11 -4.18 1.96 -3.64
C LEU A 11 -2.88 2.76 -3.50
N TYR A 12 -3.02 4.05 -3.21
CA TYR A 12 -1.86 4.92 -3.04
C TYR A 12 -1.18 4.68 -1.70
N SER A 13 -1.84 3.90 -0.85
CA SER A 13 -1.30 3.58 0.47
C SER A 13 -1.01 2.09 0.61
N ALA A 14 -1.64 1.30 -0.26
CA ALA A 14 -1.44 -0.15 -0.24
C ALA A 14 -0.22 -0.55 -1.06
N PHE A 15 0.19 0.34 -1.97
CA PHE A 15 1.35 0.07 -2.82
C PHE A 15 2.64 0.49 -2.12
N ARG A 16 2.53 0.89 -0.85
CA ARG A 16 3.69 1.32 -0.09
C ARG A 16 4.00 0.32 1.02
N GLY A 17 2.96 -0.18 1.68
CA GLY A 17 3.14 -1.13 2.76
C GLY A 17 2.90 -2.56 2.30
N VAL A 18 2.86 -2.77 0.99
CA VAL A 18 2.63 -4.10 0.43
C VAL A 18 3.34 -4.25 -0.91
N GLN A 19 4.45 -3.54 -1.07
CA GLN A 19 5.23 -3.60 -2.31
C GLN A 19 6.70 -3.37 -2.03
N LEU A 20 7.07 -2.10 -1.81
CA LEU A 20 8.45 -1.74 -1.54
C LEU A 20 8.78 -1.92 -0.06
N THR A 21 7.75 -2.15 0.74
CA THR A 21 7.92 -2.34 2.18
C THR A 21 7.60 -3.77 2.60
N TYR A 22 6.72 -4.42 1.84
CA TYR A 22 6.31 -5.78 2.13
C TYR A 22 7.54 -6.71 2.17
N GLU A 23 8.40 -6.59 1.17
CA GLU A 23 9.59 -7.41 1.09
C GLU A 23 10.38 -7.35 2.40
N HIS A 24 11.37 -8.23 2.54
CA HIS A 24 12.20 -8.28 3.73
C HIS A 24 11.35 -8.63 4.95
N THR A 25 10.25 -9.34 4.73
CA THR A 25 9.37 -9.75 5.81
C THR A 25 8.32 -10.74 5.32
N MET A 26 7.34 -10.23 4.58
CA MET A 26 6.27 -11.07 4.04
C MET A 26 6.49 -11.34 2.55
N LEU A 27 7.70 -11.74 2.20
CA LEU A 27 8.03 -12.03 0.81
C LEU A 27 9.47 -12.53 0.68
N GLN A 28 10.35 -11.98 1.50
CA GLN A 28 11.75 -12.37 1.49
C GLN A 28 11.93 -13.81 1.97
N LYS A 29 11.46 -14.08 3.18
CA LYS A 29 11.57 -15.42 3.76
C LYS A 29 10.56 -16.37 3.11
N LYS A 30 9.33 -15.89 2.97
CA LYS A 30 8.27 -16.70 2.37
C LYS A 30 7.98 -17.94 3.22
N LYS A 1 -7.17 16.34 5.02
CA LYS A 1 -8.23 15.54 4.44
C LYS A 1 -8.26 15.69 2.92
N LYS A 2 -7.77 14.68 2.22
CA LYS A 2 -7.74 14.69 0.76
C LYS A 2 -9.10 14.32 0.18
N ARG A 3 -9.33 14.69 -1.08
CA ARG A 3 -10.59 14.39 -1.74
C ARG A 3 -10.36 13.52 -2.97
N TYR A 4 -9.55 14.01 -3.90
CA TYR A 4 -9.25 13.29 -5.13
C TYR A 4 -8.41 12.05 -4.83
N VAL A 5 -7.45 12.19 -3.92
CA VAL A 5 -6.58 11.08 -3.55
C VAL A 5 -7.09 10.38 -2.30
N ALA A 6 -8.41 10.43 -2.09
CA ALA A 6 -9.03 9.80 -0.93
C ALA A 6 -9.98 8.69 -1.36
N MET A 7 -10.48 8.79 -2.59
CA MET A 7 -11.41 7.79 -3.12
C MET A 7 -10.65 6.65 -3.81
N VAL A 8 -9.42 6.94 -4.24
CA VAL A 8 -8.59 5.95 -4.91
C VAL A 8 -7.46 5.48 -4.01
N ILE A 9 -7.32 6.14 -2.86
CA ILE A 9 -6.27 5.79 -1.91
C ILE A 9 -6.27 4.30 -1.60
N TRP A 10 -7.46 3.69 -1.66
CA TRP A 10 -7.61 2.26 -1.39
C TRP A 10 -6.69 1.45 -2.30
N LEU A 11 -6.70 1.78 -3.59
CA LEU A 11 -5.87 1.06 -4.56
C LEU A 11 -4.41 1.51 -4.46
N TYR A 12 -4.21 2.77 -4.09
CA TYR A 12 -2.86 3.33 -3.95
C TYR A 12 -2.22 2.87 -2.65
N SER A 13 -3.00 2.19 -1.81
CA SER A 13 -2.50 1.71 -0.53
C SER A 13 -2.84 0.24 -0.33
N ALA A 14 -3.03 -0.47 -1.45
CA ALA A 14 -3.35 -1.89 -1.40
C ALA A 14 -2.24 -2.74 -2.02
N PHE A 15 -1.65 -2.23 -3.10
CA PHE A 15 -0.58 -2.94 -3.78
C PHE A 15 0.76 -2.70 -3.09
N ARG A 16 0.73 -1.91 -2.02
CA ARG A 16 1.93 -1.59 -1.27
C ARG A 16 1.88 -2.20 0.13
N GLY A 17 0.73 -2.09 0.78
CA GLY A 17 0.57 -2.64 2.11
C GLY A 17 0.08 -4.07 2.09
N VAL A 18 0.16 -4.71 0.94
CA VAL A 18 -0.28 -6.09 0.80
C VAL A 18 0.61 -6.86 -0.19
N GLN A 19 1.74 -6.25 -0.55
CA GLN A 19 2.68 -6.87 -1.47
C GLN A 19 4.11 -6.77 -0.95
N LEU A 20 4.69 -5.58 -1.06
CA LEU A 20 6.06 -5.35 -0.60
C LEU A 20 6.10 -5.23 0.92
N THR A 21 4.94 -5.00 1.53
CA THR A 21 4.86 -4.87 2.98
C THR A 21 4.21 -6.10 3.61
N TYR A 22 3.42 -6.81 2.81
CA TYR A 22 2.74 -8.01 3.29
C TYR A 22 3.74 -9.03 3.83
N GLU A 23 4.83 -9.23 3.08
CA GLU A 23 5.86 -10.18 3.48
C GLU A 23 6.33 -9.91 4.90
N HIS A 24 6.75 -8.67 5.16
CA HIS A 24 7.23 -8.28 6.48
C HIS A 24 8.48 -9.07 6.86
N THR A 25 9.33 -9.33 5.87
CA THR A 25 10.56 -10.08 6.12
C THR A 25 11.37 -10.22 4.82
N MET A 26 10.67 -10.49 3.72
CA MET A 26 11.32 -10.65 2.43
C MET A 26 11.22 -9.37 1.61
N LEU A 27 10.03 -9.09 1.10
CA LEU A 27 9.80 -7.89 0.29
C LEU A 27 9.81 -6.64 1.15
N GLN A 28 9.62 -6.82 2.47
CA GLN A 28 9.61 -5.71 3.40
C GLN A 28 10.87 -4.86 3.24
N LYS A 29 12.02 -5.44 3.51
CA LYS A 29 13.29 -4.74 3.40
C LYS A 29 13.97 -5.06 2.07
N LYS A 30 13.52 -6.13 1.43
CA LYS A 30 14.08 -6.55 0.14
C LYS A 30 15.55 -6.91 0.29
N LYS A 1 -15.63 13.49 1.80
CA LYS A 1 -15.77 13.75 0.37
C LYS A 1 -14.64 14.65 -0.13
N LYS A 2 -13.46 14.07 -0.30
CA LYS A 2 -12.30 14.83 -0.77
C LYS A 2 -12.24 14.82 -2.30
N ARG A 3 -11.13 15.33 -2.84
CA ARG A 3 -10.95 15.37 -4.29
C ARG A 3 -10.59 14.00 -4.84
N TYR A 4 -11.51 13.05 -4.70
CA TYR A 4 -11.30 11.69 -5.18
C TYR A 4 -10.05 11.08 -4.55
N VAL A 5 -9.68 11.58 -3.37
CA VAL A 5 -8.51 11.09 -2.66
C VAL A 5 -8.91 10.35 -1.39
N ALA A 6 -10.02 10.78 -0.80
CA ALA A 6 -10.51 10.17 0.44
C ALA A 6 -11.14 8.81 0.16
N MET A 7 -11.41 8.53 -1.12
CA MET A 7 -12.01 7.27 -1.52
C MET A 7 -10.97 6.37 -2.20
N VAL A 8 -9.88 6.97 -2.64
CA VAL A 8 -8.81 6.23 -3.31
C VAL A 8 -7.60 6.08 -2.41
N ILE A 9 -7.62 6.76 -1.27
CA ILE A 9 -6.52 6.71 -0.32
C ILE A 9 -6.13 5.28 0.00
N TRP A 10 -7.12 4.38 -0.06
CA TRP A 10 -6.88 2.97 0.23
C TRP A 10 -5.80 2.41 -0.68
N LEU A 11 -5.89 2.72 -1.97
CA LEU A 11 -4.92 2.24 -2.94
C LEU A 11 -3.63 3.05 -2.87
N TYR A 12 -3.75 4.32 -2.48
CA TYR A 12 -2.59 5.20 -2.37
C TYR A 12 -1.83 4.94 -1.07
N SER A 13 -2.43 4.13 -0.21
CA SER A 13 -1.80 3.80 1.08
C SER A 13 -1.48 2.31 1.16
N ALA A 14 -2.15 1.52 0.32
CA ALA A 14 -1.93 0.08 0.30
C ALA A 14 -0.75 -0.28 -0.61
N PHE A 15 -0.42 0.62 -1.52
CA PHE A 15 0.68 0.40 -2.45
C PHE A 15 2.02 0.75 -1.80
N ARG A 16 1.97 1.17 -0.54
CA ARG A 16 3.17 1.53 0.20
C ARG A 16 3.47 0.52 1.30
N GLY A 17 2.42 0.07 1.98
CA GLY A 17 2.60 -0.90 3.05
C GLY A 17 2.31 -2.31 2.60
N VAL A 18 2.35 -2.53 1.29
CA VAL A 18 2.10 -3.86 0.73
C VAL A 18 2.85 -4.05 -0.58
N GLN A 19 3.88 -3.25 -0.79
CA GLN A 19 4.68 -3.33 -2.01
C GLN A 19 6.14 -3.00 -1.71
N LEU A 20 6.44 -1.71 -1.55
CA LEU A 20 7.80 -1.27 -1.26
C LEU A 20 8.16 -1.51 0.20
N THR A 21 7.15 -1.86 1.00
CA THR A 21 7.36 -2.11 2.42
C THR A 21 7.12 -3.58 2.76
N TYR A 22 6.24 -4.22 2.00
CA TYR A 22 5.92 -5.62 2.23
C TYR A 22 7.18 -6.47 2.22
N GLU A 23 8.10 -6.17 1.30
CA GLU A 23 9.35 -6.91 1.19
C GLU A 23 10.08 -6.93 2.53
N HIS A 24 11.18 -7.68 2.58
CA HIS A 24 11.98 -7.79 3.80
C HIS A 24 11.17 -8.44 4.92
N THR A 25 10.59 -9.60 4.63
CA THR A 25 9.79 -10.32 5.62
C THR A 25 9.28 -11.65 5.05
N MET A 26 8.30 -11.56 4.15
CA MET A 26 7.73 -12.75 3.53
C MET A 26 8.39 -13.03 2.19
N LEU A 27 8.25 -12.11 1.25
CA LEU A 27 8.84 -12.26 -0.07
C LEU A 27 10.36 -12.34 0.01
N GLN A 28 10.92 -11.74 1.06
CA GLN A 28 12.36 -11.74 1.26
C GLN A 28 12.88 -13.15 1.48
N LYS A 29 12.60 -13.70 2.66
CA LYS A 29 13.04 -15.04 3.00
C LYS A 29 11.94 -16.07 2.71
N LYS A 30 11.15 -15.81 1.69
CA LYS A 30 10.06 -16.70 1.31
C LYS A 30 9.17 -17.00 2.51
N LYS A 1 -12.38 15.73 3.74
CA LYS A 1 -13.38 16.04 2.72
C LYS A 1 -12.73 16.16 1.35
N LYS A 2 -11.90 15.16 1.02
CA LYS A 2 -11.21 15.15 -0.28
C LYS A 2 -12.11 14.57 -1.37
N ARG A 3 -13.03 13.70 -0.96
CA ARG A 3 -13.96 13.08 -1.91
C ARG A 3 -13.22 12.11 -2.83
N TYR A 4 -12.50 12.66 -3.79
CA TYR A 4 -11.75 11.86 -4.75
C TYR A 4 -10.60 11.13 -4.06
N VAL A 5 -9.66 11.90 -3.52
CA VAL A 5 -8.51 11.34 -2.83
C VAL A 5 -8.94 10.41 -1.70
N ALA A 6 -10.05 10.77 -1.05
CA ALA A 6 -10.57 9.96 0.05
C ALA A 6 -11.24 8.70 -0.46
N MET A 7 -11.49 8.65 -1.76
CA MET A 7 -12.13 7.49 -2.38
C MET A 7 -11.11 6.66 -3.15
N VAL A 8 -9.98 7.28 -3.47
CA VAL A 8 -8.92 6.58 -4.21
C VAL A 8 -7.73 6.28 -3.31
N ILE A 9 -7.77 6.79 -2.09
CA ILE A 9 -6.70 6.57 -1.13
C ILE A 9 -6.37 5.09 -1.00
N TRP A 10 -7.39 4.24 -1.21
CA TRP A 10 -7.20 2.80 -1.12
C TRP A 10 -6.10 2.33 -2.06
N LEU A 11 -6.15 2.81 -3.30
CA LEU A 11 -5.15 2.44 -4.30
C LEU A 11 -3.84 3.18 -4.07
N TYR A 12 -3.94 4.39 -3.54
CA TYR A 12 -2.77 5.21 -3.26
C TYR A 12 -2.06 4.75 -1.99
N SER A 13 -2.70 3.82 -1.27
CA SER A 13 -2.14 3.30 -0.04
C SER A 13 -2.14 1.77 -0.04
N ALA A 14 -2.13 1.19 -1.24
CA ALA A 14 -2.12 -0.26 -1.39
C ALA A 14 -0.84 -0.75 -2.06
N PHE A 15 -0.36 0.03 -3.02
CA PHE A 15 0.86 -0.32 -3.73
C PHE A 15 2.10 0.09 -2.94
N ARG A 16 1.88 0.68 -1.77
CA ARG A 16 2.97 1.12 -0.92
C ARG A 16 3.03 0.29 0.36
N GLY A 17 1.87 0.06 0.97
CA GLY A 17 1.81 -0.71 2.20
C GLY A 17 1.64 -2.19 1.95
N VAL A 18 1.88 -2.61 0.70
CA VAL A 18 1.74 -4.02 0.33
C VAL A 18 2.80 -4.41 -0.70
N GLN A 19 3.77 -3.54 -0.91
CA GLN A 19 4.84 -3.79 -1.88
C GLN A 19 6.20 -3.46 -1.29
N LEU A 20 6.50 -2.16 -1.21
CA LEU A 20 7.77 -1.70 -0.66
C LEU A 20 7.79 -1.81 0.86
N THR A 21 6.60 -1.95 1.45
CA THR A 21 6.48 -2.07 2.89
C THR A 21 6.11 -3.49 3.30
N TYR A 22 5.50 -4.23 2.38
CA TYR A 22 5.09 -5.60 2.64
C TYR A 22 6.29 -6.46 3.05
N GLU A 23 7.41 -6.27 2.36
CA GLU A 23 8.62 -7.02 2.66
C GLU A 23 8.97 -6.93 4.14
N HIS A 24 9.47 -8.04 4.70
CA HIS A 24 9.85 -8.08 6.10
C HIS A 24 10.40 -9.45 6.47
N THR A 25 9.80 -10.50 5.93
CA THR A 25 10.24 -11.86 6.20
C THR A 25 9.84 -12.81 5.07
N MET A 26 8.63 -12.63 4.55
CA MET A 26 8.13 -13.47 3.47
C MET A 26 8.86 -13.15 2.17
N LEU A 27 8.80 -11.89 1.76
CA LEU A 27 9.46 -11.46 0.53
C LEU A 27 10.86 -10.95 0.81
N GLN A 28 11.10 -10.54 2.05
CA GLN A 28 12.42 -10.04 2.44
C GLN A 28 13.51 -11.02 2.07
N LYS A 29 13.52 -12.17 2.73
CA LYS A 29 14.52 -13.20 2.46
C LYS A 29 13.91 -14.59 2.54
N LYS A 30 12.63 -14.69 2.17
CA LYS A 30 11.93 -15.97 2.20
C LYS A 30 12.04 -16.62 3.57
N LYS A 1 -12.07 17.21 3.21
CA LYS A 1 -13.28 16.58 2.69
C LYS A 1 -13.12 16.26 1.20
N LYS A 2 -12.47 15.15 0.91
CA LYS A 2 -12.25 14.72 -0.46
C LYS A 2 -13.12 13.51 -0.79
N ARG A 3 -13.43 13.35 -2.08
CA ARG A 3 -14.25 12.23 -2.53
C ARG A 3 -13.41 11.24 -3.35
N TYR A 4 -12.85 11.72 -4.45
CA TYR A 4 -12.04 10.89 -5.32
C TYR A 4 -10.70 10.55 -4.65
N VAL A 5 -10.09 11.54 -4.02
CA VAL A 5 -8.81 11.35 -3.35
C VAL A 5 -9.01 11.09 -1.86
N ALA A 6 -9.98 10.24 -1.54
CA ALA A 6 -10.27 9.90 -0.15
C ALA A 6 -10.78 8.46 -0.03
N MET A 7 -11.64 8.06 -0.96
CA MET A 7 -12.19 6.72 -0.95
C MET A 7 -11.30 5.76 -1.72
N VAL A 8 -10.42 6.31 -2.55
CA VAL A 8 -9.51 5.50 -3.35
C VAL A 8 -8.09 5.59 -2.80
N ILE A 9 -7.89 6.46 -1.82
CA ILE A 9 -6.57 6.63 -1.21
C ILE A 9 -5.98 5.29 -0.78
N TRP A 10 -6.84 4.36 -0.38
CA TRP A 10 -6.41 3.05 0.05
C TRP A 10 -5.54 2.38 -1.02
N LEU A 11 -5.99 2.44 -2.27
CA LEU A 11 -5.26 1.85 -3.38
C LEU A 11 -4.08 2.72 -3.78
N TYR A 12 -4.24 4.04 -3.60
CA TYR A 12 -3.18 4.98 -3.95
C TYR A 12 -2.11 5.02 -2.86
N SER A 13 -2.33 4.26 -1.79
CA SER A 13 -1.39 4.21 -0.68
C SER A 13 -1.16 2.77 -0.23
N ALA A 14 -1.25 1.84 -1.17
CA ALA A 14 -1.05 0.42 -0.87
C ALA A 14 0.03 -0.18 -1.75
N PHE A 15 0.06 0.23 -3.02
CA PHE A 15 1.04 -0.27 -3.97
C PHE A 15 2.46 -0.05 -3.45
N ARG A 16 2.65 1.04 -2.71
CA ARG A 16 3.96 1.37 -2.16
C ARG A 16 4.24 0.54 -0.90
N GLY A 17 3.19 0.26 -0.13
CA GLY A 17 3.35 -0.53 1.08
C GLY A 17 2.98 -1.98 0.88
N VAL A 18 2.96 -2.42 -0.37
CA VAL A 18 2.61 -3.80 -0.69
C VAL A 18 3.61 -4.41 -1.67
N GLN A 19 4.63 -3.62 -2.03
CA GLN A 19 5.66 -4.08 -2.95
C GLN A 19 7.04 -3.97 -2.33
N LEU A 20 7.56 -2.75 -2.26
CA LEU A 20 8.88 -2.50 -1.68
C LEU A 20 8.83 -2.61 -0.17
N THR A 21 7.63 -2.52 0.40
CA THR A 21 7.45 -2.61 1.85
C THR A 21 6.88 -3.97 2.25
N TYR A 22 6.11 -4.57 1.35
CA TYR A 22 5.51 -5.87 1.61
C TYR A 22 6.55 -6.89 2.07
N GLU A 23 7.71 -6.86 1.41
CA GLU A 23 8.79 -7.78 1.74
C GLU A 23 9.24 -7.58 3.19
N HIS A 24 10.33 -8.24 3.56
CA HIS A 24 10.86 -8.14 4.92
C HIS A 24 9.88 -8.72 5.93
N THR A 25 9.34 -9.89 5.61
CA THR A 25 8.39 -10.56 6.49
C THR A 25 7.90 -11.87 5.88
N MET A 26 7.63 -11.86 4.59
CA MET A 26 7.16 -13.04 3.89
C MET A 26 8.16 -13.48 2.82
N LEU A 27 8.31 -12.67 1.78
CA LEU A 27 9.23 -12.97 0.69
C LEU A 27 10.67 -12.95 1.18
N GLN A 28 10.92 -12.19 2.25
CA GLN A 28 12.25 -12.09 2.82
C GLN A 28 12.74 -13.44 3.32
N LYS A 29 12.19 -13.88 4.46
CA LYS A 29 12.57 -15.15 5.05
C LYS A 29 11.59 -16.25 4.63
N LYS A 30 11.06 -16.14 3.42
CA LYS A 30 10.11 -17.12 2.90
C LYS A 30 8.97 -17.34 3.89
N LYS A 1 -14.60 17.04 1.21
CA LYS A 1 -13.56 16.04 1.42
C LYS A 1 -12.56 16.06 0.26
N LYS A 2 -11.57 15.18 0.32
CA LYS A 2 -10.55 15.10 -0.72
C LYS A 2 -11.16 14.67 -2.05
N ARG A 3 -12.20 13.85 -1.97
CA ARG A 3 -12.87 13.37 -3.18
C ARG A 3 -11.98 12.41 -3.95
N TYR A 4 -10.98 12.95 -4.64
CA TYR A 4 -10.06 12.15 -5.43
C TYR A 4 -9.17 11.31 -4.53
N VAL A 5 -8.70 11.91 -3.45
CA VAL A 5 -7.82 11.22 -2.50
C VAL A 5 -8.63 10.66 -1.33
N ALA A 6 -9.86 10.22 -1.62
CA ALA A 6 -10.73 9.66 -0.60
C ALA A 6 -11.36 8.35 -1.08
N MET A 7 -11.75 8.32 -2.35
CA MET A 7 -12.37 7.14 -2.92
C MET A 7 -11.31 6.21 -3.51
N VAL A 8 -10.16 6.76 -3.86
CA VAL A 8 -9.07 5.97 -4.42
C VAL A 8 -7.93 5.82 -3.42
N ILE A 9 -8.03 6.52 -2.30
CA ILE A 9 -7.01 6.46 -1.26
C ILE A 9 -6.70 5.02 -0.88
N TRP A 10 -7.70 4.15 -1.01
CA TRP A 10 -7.52 2.74 -0.68
C TRP A 10 -6.38 2.12 -1.48
N LEU A 11 -6.37 2.42 -2.78
CA LEU A 11 -5.32 1.90 -3.67
C LEU A 11 -4.02 2.67 -3.50
N TYR A 12 -4.14 3.95 -3.14
CA TYR A 12 -2.98 4.80 -2.94
C TYR A 12 -2.33 4.54 -1.59
N SER A 13 -3.02 3.76 -0.76
CA SER A 13 -2.52 3.44 0.57
C SER A 13 -2.24 1.93 0.70
N ALA A 14 -2.85 1.15 -0.19
CA ALA A 14 -2.68 -0.30 -0.17
C ALA A 14 -1.44 -0.70 -0.97
N PHE A 15 -1.00 0.18 -1.86
CA PHE A 15 0.17 -0.09 -2.69
C PHE A 15 1.45 0.33 -1.97
N ARG A 16 1.32 0.73 -0.71
CA ARG A 16 2.45 1.15 0.09
C ARG A 16 2.65 0.23 1.29
N GLY A 17 1.56 -0.07 1.98
CA GLY A 17 1.62 -0.94 3.14
C GLY A 17 1.44 -2.40 2.79
N VAL A 18 1.57 -2.72 1.50
CA VAL A 18 1.40 -4.09 1.04
C VAL A 18 2.37 -4.40 -0.11
N GLN A 19 3.32 -3.50 -0.33
CA GLN A 19 4.30 -3.66 -1.40
C GLN A 19 5.71 -3.35 -0.91
N LEU A 20 6.00 -2.07 -0.75
CA LEU A 20 7.32 -1.65 -0.27
C LEU A 20 7.46 -1.88 1.22
N THR A 21 6.33 -2.08 1.89
CA THR A 21 6.33 -2.30 3.33
C THR A 21 6.00 -3.76 3.65
N TYR A 22 5.32 -4.43 2.73
CA TYR A 22 4.95 -5.82 2.92
C TYR A 22 6.17 -6.69 3.16
N GLU A 23 7.23 -6.44 2.40
CA GLU A 23 8.46 -7.20 2.53
C GLU A 23 8.95 -7.22 3.98
N HIS A 24 9.48 -8.36 4.40
CA HIS A 24 9.98 -8.51 5.76
C HIS A 24 10.57 -9.90 5.98
N THR A 25 9.81 -10.92 5.58
CA THR A 25 10.27 -12.30 5.73
C THR A 25 9.89 -13.14 4.51
N MET A 26 8.67 -12.93 4.01
CA MET A 26 8.19 -13.67 2.84
C MET A 26 8.94 -13.25 1.59
N LEU A 27 8.62 -12.05 1.08
CA LEU A 27 9.27 -11.54 -0.11
C LEU A 27 10.68 -11.07 0.19
N GLN A 28 10.92 -10.72 1.45
CA GLN A 28 12.24 -10.26 1.87
C GLN A 28 13.34 -11.23 1.44
N LYS A 29 13.41 -12.36 2.12
CA LYS A 29 14.41 -13.38 1.82
C LYS A 29 13.75 -14.62 1.20
N LYS A 30 12.65 -14.41 0.49
CA LYS A 30 11.93 -15.51 -0.14
C LYS A 30 11.60 -16.60 0.87
N LYS A 1 -10.39 16.61 4.85
CA LYS A 1 -11.22 15.60 4.21
C LYS A 1 -11.11 15.69 2.69
N LYS A 2 -10.79 14.57 2.06
CA LYS A 2 -10.66 14.52 0.60
C LYS A 2 -11.75 13.65 -0.01
N ARG A 3 -12.13 13.98 -1.24
CA ARG A 3 -13.16 13.22 -1.95
C ARG A 3 -12.56 12.40 -3.08
N TYR A 4 -11.95 13.08 -4.04
CA TYR A 4 -11.32 12.41 -5.18
C TYR A 4 -10.06 11.67 -4.75
N VAL A 5 -9.35 12.23 -3.79
CA VAL A 5 -8.12 11.62 -3.29
C VAL A 5 -8.42 10.48 -2.33
N ALA A 6 -9.39 10.70 -1.45
CA ALA A 6 -9.79 9.68 -0.48
C ALA A 6 -10.58 8.56 -1.14
N MET A 7 -10.91 8.75 -2.41
CA MET A 7 -11.67 7.75 -3.16
C MET A 7 -10.73 6.77 -3.85
N VAL A 8 -9.55 7.24 -4.22
CA VAL A 8 -8.56 6.41 -4.89
C VAL A 8 -7.38 6.11 -3.97
N ILE A 9 -7.36 6.75 -2.81
CA ILE A 9 -6.29 6.55 -1.84
C ILE A 9 -6.08 5.07 -1.56
N TRP A 10 -7.15 4.29 -1.67
CA TRP A 10 -7.08 2.85 -1.42
C TRP A 10 -6.03 2.20 -2.32
N LEU A 11 -6.07 2.55 -3.60
CA LEU A 11 -5.12 1.99 -4.56
C LEU A 11 -3.76 2.65 -4.43
N TYR A 12 -3.75 3.93 -4.03
CA TYR A 12 -2.51 4.66 -3.86
C TYR A 12 -1.82 4.29 -2.55
N SER A 13 -2.51 3.50 -1.73
CA SER A 13 -1.97 3.06 -0.45
C SER A 13 -2.09 1.56 -0.29
N ALA A 14 -2.14 0.85 -1.42
CA ALA A 14 -2.25 -0.60 -1.41
C ALA A 14 -1.02 -1.26 -2.01
N PHE A 15 -0.49 -0.64 -3.07
CA PHE A 15 0.69 -1.16 -3.74
C PHE A 15 1.96 -0.75 -3.01
N ARG A 16 1.80 -0.01 -1.92
CA ARG A 16 2.94 0.45 -1.13
C ARG A 16 2.93 -0.20 0.25
N GLY A 17 1.76 -0.28 0.86
CA GLY A 17 1.65 -0.88 2.18
C GLY A 17 1.37 -2.37 2.12
N VAL A 18 1.58 -2.96 0.94
CA VAL A 18 1.35 -4.38 0.75
C VAL A 18 2.37 -4.99 -0.21
N GLN A 19 3.40 -4.21 -0.54
CA GLN A 19 4.44 -4.66 -1.45
C GLN A 19 5.82 -4.30 -0.92
N LEU A 20 6.18 -3.02 -1.06
CA LEU A 20 7.47 -2.54 -0.60
C LEU A 20 7.52 -2.46 0.94
N THR A 21 6.34 -2.48 1.55
CA THR A 21 6.25 -2.41 3.01
C THR A 21 5.81 -3.76 3.58
N TYR A 22 5.14 -4.56 2.77
CA TYR A 22 4.67 -5.88 3.20
C TYR A 22 5.85 -6.76 3.63
N GLU A 23 6.99 -6.56 2.97
CA GLU A 23 8.19 -7.34 3.28
C GLU A 23 8.47 -7.34 4.78
N HIS A 24 8.88 -8.49 5.31
CA HIS A 24 9.17 -8.63 6.72
C HIS A 24 9.75 -10.01 7.03
N THR A 25 9.20 -11.03 6.39
CA THR A 25 9.64 -12.40 6.59
C THR A 25 9.69 -13.17 5.28
N MET A 26 8.59 -13.10 4.52
CA MET A 26 8.50 -13.78 3.24
C MET A 26 9.17 -12.97 2.13
N LEU A 27 8.51 -11.87 1.75
CA LEU A 27 9.04 -11.01 0.70
C LEU A 27 10.39 -10.43 1.10
N GLN A 28 10.62 -10.31 2.40
CA GLN A 28 11.88 -9.78 2.91
C GLN A 28 13.06 -10.56 2.37
N LYS A 29 13.09 -11.86 2.65
CA LYS A 29 14.16 -12.72 2.19
C LYS A 29 13.95 -13.15 0.74
N LYS A 30 12.68 -13.28 0.35
CA LYS A 30 12.34 -13.68 -1.01
C LYS A 30 12.92 -15.04 -1.34
N LYS A 1 -13.11 14.32 4.12
CA LYS A 1 -12.45 15.57 3.77
C LYS A 1 -12.24 15.67 2.27
N LYS A 2 -11.65 14.63 1.69
CA LYS A 2 -11.38 14.60 0.26
C LYS A 2 -12.47 13.82 -0.49
N ARG A 3 -12.52 13.97 -1.80
CA ARG A 3 -13.51 13.28 -2.62
C ARG A 3 -12.84 12.59 -3.81
N TYR A 4 -12.07 13.36 -4.58
CA TYR A 4 -11.39 12.82 -5.75
C TYR A 4 -10.28 11.86 -5.33
N VAL A 5 -9.46 12.29 -4.38
CA VAL A 5 -8.36 11.48 -3.89
C VAL A 5 -8.76 10.70 -2.63
N ALA A 6 -10.06 10.44 -2.50
CA ALA A 6 -10.56 9.71 -1.35
C ALA A 6 -11.20 8.39 -1.77
N MET A 7 -11.64 8.33 -3.03
CA MET A 7 -12.26 7.12 -3.55
C MET A 7 -11.22 6.19 -4.15
N VAL A 8 -10.08 6.75 -4.54
CA VAL A 8 -9.00 5.96 -5.13
C VAL A 8 -7.84 5.81 -4.15
N ILE A 9 -7.92 6.52 -3.02
CA ILE A 9 -6.88 6.46 -2.01
C ILE A 9 -6.54 5.02 -1.64
N TRP A 10 -7.54 4.15 -1.74
CA TRP A 10 -7.36 2.74 -1.43
C TRP A 10 -6.23 2.13 -2.26
N LEU A 11 -6.26 2.39 -3.56
CA LEU A 11 -5.25 1.87 -4.46
C LEU A 11 -3.94 2.63 -4.32
N TYR A 12 -4.05 3.91 -3.96
CA TYR A 12 -2.87 4.75 -3.78
C TYR A 12 -2.18 4.46 -2.45
N SER A 13 -2.88 3.72 -1.59
CA SER A 13 -2.34 3.37 -0.28
C SER A 13 -2.37 1.86 -0.07
N ALA A 14 -2.33 1.12 -1.17
CA ALA A 14 -2.34 -0.34 -1.11
C ALA A 14 -1.08 -0.93 -1.73
N PHE A 15 -0.54 -0.24 -2.72
CA PHE A 15 0.66 -0.69 -3.41
C PHE A 15 1.92 -0.29 -2.63
N ARG A 16 1.71 0.35 -1.49
CA ARG A 16 2.82 0.78 -0.64
C ARG A 16 2.82 0.02 0.68
N GLY A 17 1.63 -0.11 1.28
CA GLY A 17 1.52 -0.81 2.54
C GLY A 17 1.27 -2.29 2.36
N VAL A 18 1.51 -2.79 1.15
CA VAL A 18 1.31 -4.21 0.85
C VAL A 18 2.36 -4.72 -0.13
N GLN A 19 3.38 -3.91 -0.38
CA GLN A 19 4.44 -4.27 -1.29
C GLN A 19 5.80 -3.92 -0.72
N LEU A 20 6.15 -2.63 -0.75
CA LEU A 20 7.42 -2.17 -0.23
C LEU A 20 7.43 -2.21 1.29
N THR A 21 6.25 -2.28 1.89
CA THR A 21 6.13 -2.32 3.34
C THR A 21 5.72 -3.72 3.81
N TYR A 22 5.08 -4.47 2.93
CA TYR A 22 4.63 -5.81 3.26
C TYR A 22 5.80 -6.71 3.64
N GLU A 23 6.95 -6.44 3.03
CA GLU A 23 8.17 -7.22 3.30
C GLU A 23 8.41 -7.33 4.80
N HIS A 24 8.90 -8.48 5.23
CA HIS A 24 9.19 -8.71 6.64
C HIS A 24 9.84 -10.09 6.85
N THR A 25 9.37 -11.07 6.09
CA THR A 25 9.89 -12.43 6.20
C THR A 25 9.68 -13.20 4.90
N MET A 26 8.50 -13.04 4.31
CA MET A 26 8.18 -13.72 3.06
C MET A 26 8.80 -13.00 1.86
N LEU A 27 8.89 -11.67 1.96
CA LEU A 27 9.47 -10.87 0.89
C LEU A 27 10.80 -10.26 1.32
N GLN A 28 10.97 -10.07 2.62
CA GLN A 28 12.20 -9.50 3.15
C GLN A 28 13.41 -10.29 2.68
N LYS A 29 13.55 -11.52 3.16
CA LYS A 29 14.66 -12.38 2.77
C LYS A 29 14.24 -13.39 1.71
N LYS A 30 12.96 -13.73 1.72
CA LYS A 30 12.42 -14.69 0.76
C LYS A 30 13.13 -16.03 0.88
N LYS A 1 -12.93 12.80 4.44
CA LYS A 1 -13.49 14.11 4.12
C LYS A 1 -13.56 14.31 2.60
N LYS A 2 -12.68 13.64 1.88
CA LYS A 2 -12.64 13.75 0.43
C LYS A 2 -13.43 12.61 -0.22
N ARG A 3 -13.66 12.72 -1.52
CA ARG A 3 -14.40 11.70 -2.25
C ARG A 3 -13.58 11.17 -3.42
N TYR A 4 -13.12 12.08 -4.28
CA TYR A 4 -12.32 11.70 -5.44
C TYR A 4 -10.96 11.18 -5.02
N VAL A 5 -10.11 12.07 -4.52
CA VAL A 5 -8.78 11.69 -4.08
C VAL A 5 -8.83 10.60 -3.01
N ALA A 6 -9.92 10.59 -2.25
CA ALA A 6 -10.11 9.59 -1.20
C ALA A 6 -10.49 8.24 -1.78
N MET A 7 -10.95 8.25 -3.03
CA MET A 7 -11.35 7.02 -3.70
C MET A 7 -10.17 6.38 -4.43
N VAL A 8 -9.08 7.14 -4.54
CA VAL A 8 -7.88 6.66 -5.21
C VAL A 8 -6.70 6.56 -4.24
N ILE A 9 -6.79 7.30 -3.15
CA ILE A 9 -5.73 7.31 -2.14
C ILE A 9 -5.49 5.90 -1.60
N TRP A 10 -6.53 5.07 -1.65
CA TRP A 10 -6.43 3.70 -1.16
C TRP A 10 -5.32 2.94 -1.88
N LEU A 11 -5.28 3.08 -3.20
CA LEU A 11 -4.27 2.41 -4.01
C LEU A 11 -2.91 3.11 -3.88
N TYR A 12 -2.95 4.41 -3.62
CA TYR A 12 -1.72 5.19 -3.47
C TYR A 12 -1.08 4.93 -2.12
N SER A 13 -1.86 4.39 -1.18
CA SER A 13 -1.36 4.09 0.15
C SER A 13 -1.21 2.59 0.35
N ALA A 14 -1.87 1.81 -0.50
CA ALA A 14 -1.81 0.36 -0.42
C ALA A 14 -0.59 -0.18 -1.17
N PHE A 15 -0.06 0.63 -2.09
CA PHE A 15 1.10 0.23 -2.88
C PHE A 15 2.39 0.47 -2.10
N ARG A 16 2.25 0.96 -0.87
CA ARG A 16 3.40 1.23 -0.03
C ARG A 16 3.46 0.27 1.15
N GLY A 17 2.29 -0.01 1.73
CA GLY A 17 2.22 -0.92 2.86
C GLY A 17 1.84 -2.32 2.46
N VAL A 18 2.00 -2.64 1.17
CA VAL A 18 1.66 -3.95 0.65
C VAL A 18 2.54 -4.31 -0.55
N GLN A 19 3.67 -3.62 -0.68
CA GLN A 19 4.59 -3.87 -1.78
C GLN A 19 6.03 -3.68 -1.34
N LEU A 20 6.43 -2.41 -1.21
CA LEU A 20 7.79 -2.09 -0.79
C LEU A 20 7.96 -2.27 0.71
N THR A 21 6.85 -2.48 1.40
CA THR A 21 6.87 -2.68 2.86
C THR A 21 6.45 -4.10 3.23
N TYR A 22 5.56 -4.67 2.42
CA TYR A 22 5.08 -6.03 2.67
C TYR A 22 6.23 -7.00 2.83
N GLU A 23 7.28 -6.81 2.03
CA GLU A 23 8.46 -7.67 2.10
C GLU A 23 9.10 -7.63 3.48
N HIS A 24 10.29 -8.20 3.59
CA HIS A 24 11.01 -8.22 4.86
C HIS A 24 10.24 -9.04 5.90
N THR A 25 9.31 -9.86 5.43
CA THR A 25 8.51 -10.69 6.33
C THR A 25 7.58 -11.60 5.53
N MET A 26 8.02 -12.01 4.35
CA MET A 26 7.22 -12.88 3.50
C MET A 26 7.95 -13.18 2.20
N LEU A 27 8.29 -12.14 1.46
CA LEU A 27 8.99 -12.29 0.19
C LEU A 27 10.50 -12.26 0.39
N GLN A 28 10.94 -11.52 1.41
CA GLN A 28 12.36 -11.41 1.72
C GLN A 28 12.96 -12.78 2.04
N LYS A 29 12.58 -13.33 3.19
CA LYS A 29 13.07 -14.63 3.61
C LYS A 29 11.96 -15.44 4.28
N LYS A 30 10.73 -15.20 3.85
CA LYS A 30 9.58 -15.92 4.38
C LYS A 30 9.46 -15.71 5.88
N LYS A 1 -10.77 16.56 4.55
CA LYS A 1 -11.54 15.74 3.62
C LYS A 1 -11.08 15.97 2.18
N LYS A 2 -10.29 15.04 1.66
CA LYS A 2 -9.78 15.14 0.29
C LYS A 2 -10.90 14.92 -0.71
N ARG A 3 -11.80 13.99 -0.41
CA ARG A 3 -12.92 13.69 -1.28
C ARG A 3 -12.44 13.00 -2.56
N TYR A 4 -11.84 13.78 -3.46
CA TYR A 4 -11.34 13.25 -4.72
C TYR A 4 -10.23 12.23 -4.48
N VAL A 5 -9.32 12.57 -3.57
CA VAL A 5 -8.20 11.69 -3.24
C VAL A 5 -8.51 10.84 -2.02
N ALA A 6 -9.81 10.60 -1.79
CA ALA A 6 -10.24 9.80 -0.65
C ALA A 6 -10.93 8.51 -1.11
N MET A 7 -11.47 8.55 -2.33
CA MET A 7 -12.16 7.39 -2.88
C MET A 7 -11.19 6.47 -3.62
N VAL A 8 -10.08 7.05 -4.06
CA VAL A 8 -9.07 6.28 -4.79
C VAL A 8 -7.83 6.05 -3.92
N ILE A 9 -7.81 6.68 -2.74
CA ILE A 9 -6.69 6.53 -1.82
C ILE A 9 -6.35 5.07 -1.58
N TRP A 10 -7.38 4.22 -1.65
CA TRP A 10 -7.20 2.79 -1.44
C TRP A 10 -6.15 2.22 -2.39
N LEU A 11 -6.25 2.59 -3.66
CA LEU A 11 -5.31 2.12 -4.68
C LEU A 11 -3.99 2.87 -4.58
N TYR A 12 -4.06 4.13 -4.16
CA TYR A 12 -2.87 4.96 -4.02
C TYR A 12 -2.11 4.61 -2.75
N SER A 13 -2.70 3.75 -1.92
CA SER A 13 -2.08 3.34 -0.67
C SER A 13 -2.09 1.82 -0.54
N ALA A 14 -2.14 1.13 -1.67
CA ALA A 14 -2.15 -0.33 -1.68
C ALA A 14 -0.90 -0.89 -2.37
N PHE A 15 -0.46 -0.20 -3.42
CA PHE A 15 0.72 -0.63 -4.16
C PHE A 15 2.00 -0.16 -3.47
N ARG A 16 1.83 0.52 -2.35
CA ARG A 16 2.98 1.03 -1.60
C ARG A 16 3.09 0.33 -0.25
N GLY A 17 1.96 0.16 0.43
CA GLY A 17 1.96 -0.49 1.72
C GLY A 17 1.76 -1.99 1.61
N VAL A 18 1.94 -2.53 0.41
CA VAL A 18 1.78 -3.96 0.18
C VAL A 18 2.78 -4.46 -0.86
N GLN A 19 3.75 -3.61 -1.20
CA GLN A 19 4.77 -3.97 -2.18
C GLN A 19 6.16 -3.63 -1.66
N LEU A 20 6.50 -2.34 -1.70
CA LEU A 20 7.80 -1.88 -1.22
C LEU A 20 7.86 -1.86 0.30
N THR A 21 6.70 -1.89 0.93
CA THR A 21 6.61 -1.88 2.38
C THR A 21 6.24 -3.26 2.93
N TYR A 22 5.60 -4.06 2.09
CA TYR A 22 5.19 -5.40 2.49
C TYR A 22 6.39 -6.23 2.92
N GLU A 23 7.47 -6.15 2.16
CA GLU A 23 8.69 -6.89 2.45
C GLU A 23 9.19 -6.56 3.86
N HIS A 24 9.54 -7.61 4.61
CA HIS A 24 10.04 -7.43 5.97
C HIS A 24 10.40 -8.78 6.59
N THR A 25 9.56 -9.79 6.32
CA THR A 25 9.79 -11.12 6.87
C THR A 25 9.17 -12.18 5.97
N MET A 26 7.97 -11.91 5.46
CA MET A 26 7.27 -12.85 4.59
C MET A 26 7.90 -12.85 3.20
N LEU A 27 8.36 -11.68 2.76
CA LEU A 27 8.99 -11.55 1.44
C LEU A 27 10.46 -11.19 1.57
N GLN A 28 10.82 -10.57 2.68
CA GLN A 28 12.21 -10.18 2.93
C GLN A 28 13.15 -11.37 2.74
N LYS A 29 13.12 -12.28 3.70
CA LYS A 29 13.97 -13.47 3.65
C LYS A 29 13.13 -14.74 3.62
N LYS A 30 11.98 -14.67 2.97
CA LYS A 30 11.09 -15.81 2.86
C LYS A 30 10.79 -16.40 4.23
N LYS A 1 -12.69 12.37 5.02
CA LYS A 1 -13.87 13.03 4.51
C LYS A 1 -13.57 13.79 3.22
N LYS A 2 -12.75 13.19 2.37
CA LYS A 2 -12.37 13.80 1.09
C LYS A 2 -13.13 13.17 -0.06
N ARG A 3 -13.53 13.99 -1.03
CA ARG A 3 -14.27 13.51 -2.19
C ARG A 3 -13.32 12.96 -3.25
N TYR A 4 -12.48 13.84 -3.79
CA TYR A 4 -11.53 13.44 -4.82
C TYR A 4 -10.19 13.03 -4.19
N VAL A 5 -9.50 12.09 -4.83
CA VAL A 5 -8.22 11.61 -4.34
C VAL A 5 -8.38 10.89 -3.01
N ALA A 6 -9.62 10.60 -2.63
CA ALA A 6 -9.91 9.90 -1.39
C ALA A 6 -10.61 8.57 -1.64
N MET A 7 -11.25 8.46 -2.80
CA MET A 7 -11.95 7.25 -3.17
C MET A 7 -11.01 6.24 -3.83
N VAL A 8 -9.93 6.74 -4.40
CA VAL A 8 -8.94 5.89 -5.06
C VAL A 8 -7.66 5.78 -4.24
N ILE A 9 -7.59 6.56 -3.17
CA ILE A 9 -6.42 6.55 -2.30
C ILE A 9 -6.07 5.13 -1.87
N TRP A 10 -7.08 4.27 -1.77
CA TRP A 10 -6.88 2.89 -1.38
C TRP A 10 -5.88 2.19 -2.30
N LEU A 11 -6.05 2.39 -3.61
CA LEU A 11 -5.17 1.78 -4.59
C LEU A 11 -3.85 2.54 -4.67
N TYR A 12 -3.90 3.85 -4.41
CA TYR A 12 -2.71 4.68 -4.46
C TYR A 12 -1.87 4.51 -3.19
N SER A 13 -2.43 3.78 -2.22
CA SER A 13 -1.74 3.54 -0.95
C SER A 13 -1.73 2.05 -0.61
N ALA A 14 -1.86 1.22 -1.63
CA ALA A 14 -1.87 -0.23 -1.44
C ALA A 14 -0.71 -0.89 -2.18
N PHE A 15 -0.29 -0.29 -3.29
CA PHE A 15 0.81 -0.82 -4.08
C PHE A 15 2.15 -0.37 -3.51
N ARG A 16 2.10 0.38 -2.42
CA ARG A 16 3.32 0.87 -1.77
C ARG A 16 3.50 0.23 -0.40
N GLY A 17 2.41 0.16 0.36
CA GLY A 17 2.48 -0.42 1.70
C GLY A 17 2.19 -1.91 1.69
N VAL A 18 2.27 -2.52 0.51
CA VAL A 18 2.01 -3.95 0.37
C VAL A 18 2.91 -4.56 -0.69
N GLN A 19 3.89 -3.79 -1.14
CA GLN A 19 4.83 -4.26 -2.17
C GLN A 19 6.28 -3.96 -1.76
N LEU A 20 6.68 -2.71 -1.89
CA LEU A 20 8.03 -2.29 -1.53
C LEU A 20 8.18 -2.19 -0.03
N THR A 21 7.07 -2.12 0.69
CA THR A 21 7.08 -2.02 2.14
C THR A 21 6.68 -3.34 2.79
N TYR A 22 5.94 -4.16 2.04
CA TYR A 22 5.49 -5.45 2.55
C TYR A 22 6.68 -6.32 2.94
N GLU A 23 7.70 -6.34 2.10
CA GLU A 23 8.90 -7.13 2.36
C GLU A 23 9.51 -6.76 3.72
N HIS A 24 9.94 -7.77 4.46
CA HIS A 24 10.54 -7.55 5.77
C HIS A 24 10.98 -8.87 6.39
N THR A 25 10.06 -9.83 6.44
CA THR A 25 10.34 -11.14 7.02
C THR A 25 9.79 -12.26 6.13
N MET A 26 8.59 -12.07 5.61
CA MET A 26 7.96 -13.05 4.74
C MET A 26 8.63 -13.09 3.38
N LEU A 27 8.37 -12.07 2.57
CA LEU A 27 8.94 -11.98 1.23
C LEU A 27 10.44 -11.67 1.30
N GLN A 28 10.86 -11.04 2.39
CA GLN A 28 12.26 -10.69 2.58
C GLN A 28 13.15 -11.91 2.38
N LYS A 29 13.15 -12.81 3.37
CA LYS A 29 13.96 -14.02 3.32
C LYS A 29 13.07 -15.25 3.08
N LYS A 30 12.00 -15.06 2.33
CA LYS A 30 11.07 -16.15 2.03
C LYS A 30 10.63 -16.84 3.31
N LYS A 1 -11.32 17.40 1.37
CA LYS A 1 -10.80 16.10 1.76
C LYS A 1 -11.70 14.98 1.25
N LYS A 2 -11.09 13.84 0.91
CA LYS A 2 -11.84 12.70 0.41
C LYS A 2 -12.52 13.03 -0.91
N ARG A 3 -12.08 14.11 -1.55
CA ARG A 3 -12.66 14.53 -2.82
C ARG A 3 -12.33 13.53 -3.93
N TYR A 4 -13.18 12.52 -4.06
CA TYR A 4 -12.98 11.49 -5.08
C TYR A 4 -11.68 10.74 -4.85
N VAL A 5 -11.14 10.87 -3.64
CA VAL A 5 -9.89 10.19 -3.28
C VAL A 5 -10.11 9.20 -2.15
N ALA A 6 -11.30 9.24 -1.55
CA ALA A 6 -11.64 8.34 -0.46
C ALA A 6 -11.91 6.93 -0.97
N MET A 7 -12.14 6.81 -2.28
CA MET A 7 -12.42 5.53 -2.89
C MET A 7 -11.22 5.05 -3.70
N VAL A 8 -10.23 5.92 -3.88
CA VAL A 8 -9.03 5.59 -4.63
C VAL A 8 -7.82 5.52 -3.72
N ILE A 9 -7.92 6.13 -2.55
CA ILE A 9 -6.83 6.14 -1.58
C ILE A 9 -6.33 4.72 -1.31
N TRP A 10 -7.22 3.75 -1.46
CA TRP A 10 -6.86 2.35 -1.23
C TRP A 10 -5.69 1.93 -2.11
N LEU A 11 -5.77 2.28 -3.39
CA LEU A 11 -4.71 1.95 -4.34
C LEU A 11 -3.49 2.84 -4.13
N TYR A 12 -3.73 4.07 -3.71
CA TYR A 12 -2.64 5.02 -3.47
C TYR A 12 -1.90 4.69 -2.18
N SER A 13 -2.52 3.86 -1.35
CA SER A 13 -1.92 3.46 -0.08
C SER A 13 -1.76 1.95 -0.01
N ALA A 14 -1.70 1.31 -1.18
CA ALA A 14 -1.54 -0.14 -1.24
C ALA A 14 -0.24 -0.52 -1.94
N PHE A 15 0.21 0.33 -2.85
CA PHE A 15 1.44 0.08 -3.59
C PHE A 15 2.66 0.58 -2.80
N ARG A 16 2.41 1.05 -1.58
CA ARG A 16 3.49 1.55 -0.74
C ARG A 16 3.73 0.62 0.45
N GLY A 17 2.64 0.10 1.01
CA GLY A 17 2.75 -0.81 2.14
C GLY A 17 2.60 -2.26 1.75
N VAL A 18 2.69 -2.53 0.45
CA VAL A 18 2.57 -3.89 -0.06
C VAL A 18 3.41 -4.10 -1.32
N GLN A 19 4.49 -3.34 -1.42
CA GLN A 19 5.38 -3.43 -2.57
C GLN A 19 6.83 -3.13 -2.17
N LEU A 20 7.13 -1.86 -1.97
CA LEU A 20 8.47 -1.44 -1.58
C LEU A 20 8.66 -1.52 -0.07
N THR A 21 7.56 -1.76 0.64
CA THR A 21 7.60 -1.87 2.09
C THR A 21 7.29 -3.29 2.54
N TYR A 22 6.50 -4.00 1.74
CA TYR A 22 6.11 -5.37 2.05
C TYR A 22 7.35 -6.24 2.26
N GLU A 23 8.30 -6.14 1.34
CA GLU A 23 9.53 -6.92 1.42
C GLU A 23 10.19 -6.77 2.79
N HIS A 24 11.08 -7.69 3.12
CA HIS A 24 11.78 -7.66 4.40
C HIS A 24 10.80 -7.83 5.55
N THR A 25 9.65 -8.43 5.26
CA THR A 25 8.63 -8.65 6.27
C THR A 25 7.63 -9.73 5.84
N MET A 26 6.84 -9.40 4.82
CA MET A 26 5.85 -10.34 4.29
C MET A 26 6.24 -10.81 2.90
N LEU A 27 7.53 -10.84 2.62
CA LEU A 27 8.03 -11.27 1.32
C LEU A 27 9.41 -11.91 1.44
N GLN A 28 10.27 -11.30 2.26
CA GLN A 28 11.61 -11.81 2.46
C GLN A 28 11.58 -13.17 3.16
N LYS A 29 11.02 -13.20 4.37
CA LYS A 29 10.93 -14.44 5.14
C LYS A 29 9.48 -14.80 5.41
N LYS A 30 8.71 -14.99 4.35
CA LYS A 30 7.30 -15.34 4.48
C LYS A 30 7.12 -16.67 5.21
N LYS A 1 -10.05 16.51 0.68
CA LYS A 1 -11.07 16.10 1.63
C LYS A 1 -11.93 14.97 1.05
N LYS A 2 -11.29 13.85 0.74
CA LYS A 2 -11.99 12.69 0.18
C LYS A 2 -12.60 13.04 -1.18
N ARG A 3 -12.13 14.14 -1.77
CA ARG A 3 -12.63 14.57 -3.08
C ARG A 3 -12.22 13.59 -4.16
N TYR A 4 -13.06 12.57 -4.37
CA TYR A 4 -12.79 11.55 -5.39
C TYR A 4 -11.49 10.81 -5.08
N VAL A 5 -11.03 10.93 -3.84
CA VAL A 5 -9.81 10.26 -3.41
C VAL A 5 -10.09 9.25 -2.31
N ALA A 6 -11.31 9.28 -1.78
CA ALA A 6 -11.70 8.35 -0.72
C ALA A 6 -11.93 6.95 -1.27
N MET A 7 -12.09 6.85 -2.59
CA MET A 7 -12.32 5.56 -3.23
C MET A 7 -11.06 5.10 -3.98
N VAL A 8 -10.08 5.99 -4.09
CA VAL A 8 -8.83 5.67 -4.77
C VAL A 8 -7.67 5.61 -3.79
N ILE A 9 -7.85 6.19 -2.61
CA ILE A 9 -6.83 6.19 -1.58
C ILE A 9 -6.33 4.78 -1.29
N TRP A 10 -7.20 3.80 -1.50
CA TRP A 10 -6.85 2.41 -1.27
C TRP A 10 -5.63 2.01 -2.09
N LEU A 11 -5.63 2.38 -3.36
CA LEU A 11 -4.52 2.06 -4.24
C LEU A 11 -3.31 2.94 -3.96
N TYR A 12 -3.58 4.18 -3.54
CA TYR A 12 -2.53 5.13 -3.22
C TYR A 12 -1.85 4.78 -1.90
N SER A 13 -2.52 3.95 -1.10
CA SER A 13 -1.99 3.54 0.20
C SER A 13 -1.83 2.02 0.25
N ALA A 14 -1.68 1.39 -0.91
CA ALA A 14 -1.53 -0.05 -0.99
C ALA A 14 -0.18 -0.42 -1.61
N PHE A 15 0.33 0.45 -2.48
CA PHE A 15 1.60 0.21 -3.15
C PHE A 15 2.76 0.67 -2.27
N ARG A 16 2.44 1.15 -1.06
CA ARG A 16 3.45 1.61 -0.13
C ARG A 16 3.58 0.66 1.05
N GLY A 17 2.46 0.11 1.49
CA GLY A 17 2.47 -0.81 2.62
C GLY A 17 2.34 -2.25 2.19
N VAL A 18 2.55 -2.50 0.90
CA VAL A 18 2.45 -3.86 0.36
C VAL A 18 3.39 -4.04 -0.83
N GLN A 19 4.48 -3.28 -0.84
CA GLN A 19 5.46 -3.37 -1.91
C GLN A 19 6.87 -3.12 -1.39
N LEU A 20 7.18 -1.85 -1.13
CA LEU A 20 8.51 -1.49 -0.63
C LEU A 20 8.55 -1.61 0.90
N THR A 21 7.40 -1.79 1.51
CA THR A 21 7.30 -1.93 2.96
C THR A 21 6.93 -3.36 3.37
N TYR A 22 6.22 -4.05 2.48
CA TYR A 22 5.80 -5.41 2.75
C TYR A 22 7.01 -6.31 3.02
N GLU A 23 8.01 -6.23 2.14
CA GLU A 23 9.21 -7.04 2.28
C GLU A 23 9.81 -6.88 3.68
N HIS A 24 9.88 -7.99 4.42
CA HIS A 24 10.42 -7.97 5.77
C HIS A 24 10.44 -9.37 6.36
N THR A 25 9.37 -10.13 6.12
CA THR A 25 9.26 -11.49 6.64
C THR A 25 8.65 -12.42 5.60
N MET A 26 7.57 -11.96 4.97
CA MET A 26 6.90 -12.77 3.94
C MET A 26 7.62 -12.66 2.61
N LEU A 27 7.66 -11.45 2.05
CA LEU A 27 8.31 -11.21 0.77
C LEU A 27 9.83 -11.27 0.92
N GLN A 28 10.32 -10.98 2.12
CA GLN A 28 11.75 -11.00 2.40
C GLN A 28 12.36 -12.33 1.97
N LYS A 29 12.06 -13.38 2.72
CA LYS A 29 12.59 -14.71 2.42
C LYS A 29 11.49 -15.61 1.84
N LYS A 30 10.53 -15.00 1.15
CA LYS A 30 9.44 -15.74 0.55
C LYS A 30 8.75 -16.63 1.58
N LYS A 1 -10.73 16.51 1.35
CA LYS A 1 -11.05 15.50 2.36
C LYS A 1 -11.87 14.37 1.76
N LYS A 2 -11.19 13.38 1.20
CA LYS A 2 -11.86 12.24 0.59
C LYS A 2 -12.69 12.67 -0.60
N ARG A 3 -12.43 13.87 -1.10
CA ARG A 3 -13.17 14.40 -2.23
C ARG A 3 -12.85 13.62 -3.50
N TYR A 4 -13.61 12.55 -3.74
CA TYR A 4 -13.41 11.70 -4.91
C TYR A 4 -12.03 11.07 -4.88
N VAL A 5 -11.39 11.07 -3.72
CA VAL A 5 -10.06 10.49 -3.56
C VAL A 5 -10.09 9.33 -2.57
N ALA A 6 -11.22 9.16 -1.89
CA ALA A 6 -11.37 8.09 -0.91
C ALA A 6 -11.54 6.74 -1.61
N MET A 7 -11.92 6.78 -2.88
CA MET A 7 -12.13 5.56 -3.65
C MET A 7 -10.90 5.24 -4.50
N VAL A 8 -10.01 6.22 -4.64
CA VAL A 8 -8.80 6.05 -5.43
C VAL A 8 -7.58 5.97 -4.52
N ILE A 9 -7.74 6.40 -3.28
CA ILE A 9 -6.64 6.38 -2.31
C ILE A 9 -6.22 4.94 -1.99
N TRP A 10 -7.15 4.02 -2.13
CA TRP A 10 -6.88 2.61 -1.85
C TRP A 10 -5.69 2.12 -2.67
N LEU A 11 -5.65 2.51 -3.95
CA LEU A 11 -4.57 2.11 -4.83
C LEU A 11 -3.33 2.96 -4.61
N TYR A 12 -3.54 4.23 -4.26
CA TYR A 12 -2.44 5.16 -4.01
C TYR A 12 -1.82 4.89 -2.64
N SER A 13 -2.43 3.98 -1.88
CA SER A 13 -1.94 3.66 -0.55
C SER A 13 -1.85 2.14 -0.37
N ALA A 14 -1.70 1.43 -1.47
CA ALA A 14 -1.60 -0.02 -1.44
C ALA A 14 -0.28 -0.50 -2.03
N PHE A 15 0.24 0.24 -3.01
CA PHE A 15 1.50 -0.10 -3.65
C PHE A 15 2.68 0.45 -2.86
N ARG A 16 2.40 1.05 -1.71
CA ARG A 16 3.43 1.62 -0.87
C ARG A 16 3.58 0.81 0.42
N GLY A 17 2.46 0.37 0.97
CA GLY A 17 2.50 -0.41 2.19
C GLY A 17 2.34 -1.89 1.95
N VAL A 18 2.48 -2.30 0.69
CA VAL A 18 2.35 -3.70 0.32
C VAL A 18 3.25 -4.05 -0.86
N GLN A 19 4.36 -3.32 -0.98
CA GLN A 19 5.31 -3.56 -2.07
C GLN A 19 6.73 -3.24 -1.63
N LEU A 20 7.05 -1.95 -1.55
CA LEU A 20 8.38 -1.51 -1.14
C LEU A 20 8.49 -1.46 0.38
N THR A 21 7.35 -1.59 1.06
CA THR A 21 7.33 -1.55 2.52
C THR A 21 6.95 -2.91 3.09
N TYR A 22 6.19 -3.69 2.32
CA TYR A 22 5.76 -5.01 2.76
C TYR A 22 6.96 -5.88 3.12
N GLU A 23 7.95 -5.90 2.24
CA GLU A 23 9.16 -6.69 2.47
C GLU A 23 9.75 -6.39 3.84
N HIS A 24 9.97 -7.46 4.62
CA HIS A 24 10.53 -7.32 5.96
C HIS A 24 10.73 -8.68 6.61
N THR A 25 9.74 -9.55 6.46
CA THR A 25 9.80 -10.89 7.03
C THR A 25 9.14 -11.91 6.12
N MET A 26 7.98 -11.54 5.56
CA MET A 26 7.25 -12.43 4.67
C MET A 26 7.88 -12.44 3.27
N LEU A 27 7.76 -11.33 2.57
CA LEU A 27 8.32 -11.21 1.22
C LEU A 27 9.85 -11.16 1.27
N GLN A 28 10.38 -10.69 2.40
CA GLN A 28 11.82 -10.58 2.57
C GLN A 28 12.51 -11.91 2.25
N LYS A 29 12.11 -12.96 2.97
CA LYS A 29 12.69 -14.28 2.77
C LYS A 29 11.62 -15.28 2.31
N LYS A 30 10.57 -14.76 1.67
CA LYS A 30 9.50 -15.60 1.17
C LYS A 30 8.91 -16.45 2.30
N LYS A 1 -10.98 14.38 4.97
CA LYS A 1 -12.12 15.16 4.50
C LYS A 1 -12.07 15.36 2.99
N LYS A 2 -11.46 14.40 2.29
CA LYS A 2 -11.34 14.47 0.84
C LYS A 2 -12.47 13.72 0.16
N ARG A 3 -12.69 14.01 -1.11
CA ARG A 3 -13.75 13.37 -1.87
C ARG A 3 -13.18 12.67 -3.11
N TYR A 4 -12.50 13.43 -3.96
CA TYR A 4 -11.91 12.88 -5.17
C TYR A 4 -10.76 11.94 -4.85
N VAL A 5 -9.93 12.35 -3.90
CA VAL A 5 -8.78 11.54 -3.48
C VAL A 5 -9.12 10.70 -2.26
N ALA A 6 -10.39 10.37 -2.11
CA ALA A 6 -10.85 9.57 -0.97
C ALA A 6 -11.42 8.24 -1.45
N MET A 7 -11.90 8.20 -2.69
CA MET A 7 -12.48 7.00 -3.26
C MET A 7 -11.41 6.14 -3.92
N VAL A 8 -10.30 6.78 -4.31
CA VAL A 8 -9.21 6.07 -4.96
C VAL A 8 -8.01 5.93 -4.02
N ILE A 9 -8.10 6.57 -2.86
CA ILE A 9 -7.03 6.52 -1.88
C ILE A 9 -6.63 5.08 -1.58
N TRP A 10 -7.58 4.17 -1.70
CA TRP A 10 -7.32 2.76 -1.45
C TRP A 10 -6.19 2.24 -2.33
N LEU A 11 -6.27 2.55 -3.62
CA LEU A 11 -5.25 2.12 -4.57
C LEU A 11 -3.97 2.94 -4.41
N TYR A 12 -4.13 4.19 -4.01
CA TYR A 12 -2.99 5.08 -3.82
C TYR A 12 -2.26 4.76 -2.52
N SER A 13 -2.90 3.96 -1.68
CA SER A 13 -2.31 3.57 -0.39
C SER A 13 -2.26 2.05 -0.25
N ALA A 14 -2.24 1.36 -1.39
CA ALA A 14 -2.19 -0.09 -1.40
C ALA A 14 -0.92 -0.59 -2.09
N PHE A 15 -0.42 0.19 -3.05
CA PHE A 15 0.78 -0.18 -3.78
C PHE A 15 2.03 0.17 -2.98
N ARG A 16 1.83 0.73 -1.79
CA ARG A 16 2.94 1.11 -0.92
C ARG A 16 3.00 0.22 0.31
N GLY A 17 1.83 -0.11 0.86
CA GLY A 17 1.78 -0.96 2.04
C GLY A 17 1.47 -2.40 1.69
N VAL A 18 1.70 -2.77 0.44
CA VAL A 18 1.46 -4.14 -0.01
C VAL A 18 2.39 -4.51 -1.15
N GLN A 19 3.48 -3.77 -1.29
CA GLN A 19 4.46 -4.03 -2.34
C GLN A 19 5.87 -3.73 -1.86
N LEU A 20 6.21 -2.44 -1.77
CA LEU A 20 7.53 -2.03 -1.33
C LEU A 20 7.65 -2.12 0.19
N THR A 21 6.51 -2.34 0.85
CA THR A 21 6.50 -2.46 2.30
C THR A 21 6.15 -3.88 2.74
N TYR A 22 5.31 -4.54 1.94
CA TYR A 22 4.89 -5.90 2.25
C TYR A 22 6.11 -6.80 2.50
N GLU A 23 7.17 -6.58 1.73
CA GLU A 23 8.38 -7.37 1.87
C GLU A 23 9.06 -7.09 3.21
N HIS A 24 10.28 -7.58 3.37
CA HIS A 24 11.04 -7.39 4.60
C HIS A 24 10.42 -8.18 5.74
N THR A 25 9.46 -9.05 5.41
CA THR A 25 8.79 -9.88 6.40
C THR A 25 7.80 -10.82 5.75
N MET A 26 8.08 -11.20 4.51
CA MET A 26 7.21 -12.12 3.77
C MET A 26 7.75 -12.35 2.36
N LEU A 27 9.05 -12.25 2.20
CA LEU A 27 9.69 -12.44 0.90
C LEU A 27 11.18 -12.12 0.97
N GLN A 28 11.52 -11.11 1.75
CA GLN A 28 12.92 -10.70 1.89
C GLN A 28 13.77 -11.86 2.41
N LYS A 29 13.48 -12.32 3.61
CA LYS A 29 14.22 -13.42 4.21
C LYS A 29 13.28 -14.49 4.75
N LYS A 30 12.10 -14.58 4.15
CA LYS A 30 11.10 -15.55 4.58
C LYS A 30 10.73 -15.35 6.04
N LYS A 1 -12.95 15.46 3.77
CA LYS A 1 -13.88 15.97 2.77
C LYS A 1 -13.29 15.84 1.36
N LYS A 2 -12.77 14.66 1.06
CA LYS A 2 -12.18 14.39 -0.26
C LYS A 2 -12.91 13.27 -0.98
N ARG A 3 -12.56 13.05 -2.24
CA ARG A 3 -13.18 12.01 -3.03
C ARG A 3 -12.15 11.30 -3.92
N TYR A 4 -11.48 12.07 -4.77
CA TYR A 4 -10.48 11.52 -5.67
C TYR A 4 -9.33 10.89 -4.87
N VAL A 5 -9.16 11.34 -3.64
CA VAL A 5 -8.10 10.82 -2.77
C VAL A 5 -8.68 9.97 -1.64
N ALA A 6 -9.88 10.35 -1.19
CA ALA A 6 -10.53 9.63 -0.11
C ALA A 6 -11.09 8.30 -0.60
N MET A 7 -11.17 8.15 -1.92
CA MET A 7 -11.68 6.92 -2.52
C MET A 7 -10.55 6.05 -3.05
N VAL A 8 -9.38 6.67 -3.24
CA VAL A 8 -8.21 5.96 -3.75
C VAL A 8 -7.17 5.77 -2.65
N ILE A 9 -7.43 6.36 -1.49
CA ILE A 9 -6.52 6.25 -0.36
C ILE A 9 -6.23 4.79 -0.01
N TRP A 10 -7.15 3.91 -0.38
CA TRP A 10 -7.01 2.49 -0.12
C TRP A 10 -5.88 1.89 -0.95
N LEU A 11 -5.70 2.41 -2.15
CA LEU A 11 -4.66 1.93 -3.06
C LEU A 11 -3.35 2.69 -2.85
N TYR A 12 -3.46 3.88 -2.25
CA TYR A 12 -2.29 4.71 -1.99
C TYR A 12 -1.66 4.36 -0.64
N SER A 13 -2.48 3.82 0.26
CA SER A 13 -2.00 3.44 1.58
C SER A 13 -1.63 1.96 1.62
N ALA A 14 -2.12 1.21 0.64
CA ALA A 14 -1.84 -0.21 0.57
C ALA A 14 -0.60 -0.50 -0.28
N PHE A 15 -0.26 0.45 -1.15
CA PHE A 15 0.91 0.31 -2.02
C PHE A 15 2.17 0.76 -1.29
N ARG A 16 2.02 1.13 -0.02
CA ARG A 16 3.16 1.58 0.77
C ARG A 16 3.50 0.55 1.86
N GLY A 17 2.47 -0.06 2.43
CA GLY A 17 2.67 -1.06 3.47
C GLY A 17 2.51 -2.48 2.96
N VAL A 18 2.55 -2.63 1.64
CA VAL A 18 2.40 -3.95 1.03
C VAL A 18 3.16 -4.02 -0.30
N GLN A 19 4.21 -3.21 -0.42
CA GLN A 19 5.02 -3.20 -1.63
C GLN A 19 6.49 -2.93 -1.30
N LEU A 20 6.80 -1.68 -1.00
CA LEU A 20 8.18 -1.30 -0.67
C LEU A 20 8.45 -1.51 0.81
N THR A 21 7.40 -1.79 1.58
CA THR A 21 7.53 -2.02 3.01
C THR A 21 7.27 -3.47 3.36
N TYR A 22 6.44 -4.14 2.54
CA TYR A 22 6.11 -5.54 2.77
C TYR A 22 7.37 -6.40 2.79
N GLU A 23 8.22 -6.24 1.79
CA GLU A 23 9.46 -7.00 1.69
C GLU A 23 10.25 -6.90 2.99
N HIS A 24 10.40 -8.04 3.67
CA HIS A 24 11.13 -8.08 4.93
C HIS A 24 11.21 -9.51 5.47
N THR A 25 10.10 -10.23 5.36
CA THR A 25 10.03 -11.61 5.83
C THR A 25 9.27 -12.49 4.85
N MET A 26 8.13 -12.00 4.37
CA MET A 26 7.30 -12.74 3.43
C MET A 26 7.83 -12.58 2.01
N LEU A 27 7.67 -11.39 1.46
CA LEU A 27 8.12 -11.11 0.10
C LEU A 27 9.64 -11.17 0.01
N GLN A 28 10.31 -10.94 1.13
CA GLN A 28 11.76 -10.98 1.18
C GLN A 28 12.29 -12.29 0.62
N LYS A 29 12.11 -13.37 1.37
CA LYS A 29 12.56 -14.69 0.95
C LYS A 29 11.40 -15.52 0.42
N LYS A 30 10.38 -14.85 -0.08
CA LYS A 30 9.20 -15.52 -0.63
C LYS A 30 8.64 -16.51 0.37
N LYS A 1 -12.64 17.74 3.97
CA LYS A 1 -12.51 16.34 3.58
C LYS A 1 -12.44 16.20 2.06
N LYS A 2 -11.88 15.10 1.59
CA LYS A 2 -11.76 14.85 0.16
C LYS A 2 -12.79 13.81 -0.30
N ARG A 3 -13.18 13.91 -1.56
CA ARG A 3 -14.15 12.97 -2.13
C ARG A 3 -13.50 12.03 -3.13
N TYR A 4 -12.93 12.61 -4.19
CA TYR A 4 -12.26 11.82 -5.22
C TYR A 4 -10.97 11.22 -4.70
N VAL A 5 -10.03 12.08 -4.31
CA VAL A 5 -8.75 11.63 -3.78
C VAL A 5 -8.94 10.70 -2.59
N ALA A 6 -10.02 10.90 -1.85
CA ALA A 6 -10.32 10.06 -0.69
C ALA A 6 -10.82 8.69 -1.12
N MET A 7 -11.34 8.61 -2.34
CA MET A 7 -11.86 7.34 -2.86
C MET A 7 -10.76 6.57 -3.58
N VAL A 8 -9.60 7.19 -3.74
CA VAL A 8 -8.48 6.54 -4.41
C VAL A 8 -7.29 6.38 -3.45
N ILE A 9 -7.29 7.18 -2.39
CA ILE A 9 -6.20 7.13 -1.41
C ILE A 9 -6.13 5.75 -0.76
N TRP A 10 -7.22 4.99 -0.86
CA TRP A 10 -7.28 3.65 -0.29
C TRP A 10 -6.31 2.71 -1.00
N LEU A 11 -6.13 2.93 -2.29
CA LEU A 11 -5.23 2.09 -3.09
C LEU A 11 -3.81 2.66 -3.08
N TYR A 12 -3.71 3.97 -2.91
CA TYR A 12 -2.41 4.64 -2.89
C TYR A 12 -1.71 4.39 -1.55
N SER A 13 -2.48 4.13 -0.52
CA SER A 13 -1.94 3.88 0.81
C SER A 13 -1.74 2.38 1.04
N ALA A 14 -2.45 1.56 0.27
CA ALA A 14 -2.34 0.11 0.38
C ALA A 14 -1.20 -0.43 -0.46
N PHE A 15 -0.79 0.34 -1.46
CA PHE A 15 0.30 -0.06 -2.35
C PHE A 15 1.65 0.27 -1.71
N ARG A 16 1.63 0.82 -0.51
CA ARG A 16 2.85 1.17 0.19
C ARG A 16 3.05 0.30 1.43
N GLY A 17 1.97 0.10 2.18
CA GLY A 17 2.05 -0.72 3.38
C GLY A 17 1.75 -2.18 3.10
N VAL A 18 1.79 -2.56 1.83
CA VAL A 18 1.52 -3.94 1.43
C VAL A 18 2.39 -4.35 0.25
N GLN A 19 3.38 -3.52 -0.06
CA GLN A 19 4.29 -3.80 -1.17
C GLN A 19 5.74 -3.58 -0.75
N LEU A 20 6.13 -2.32 -0.67
CA LEU A 20 7.50 -1.96 -0.28
C LEU A 20 7.70 -2.13 1.22
N THR A 21 6.60 -2.22 1.95
CA THR A 21 6.66 -2.40 3.40
C THR A 21 6.25 -3.81 3.81
N TYR A 22 5.48 -4.46 2.95
CA TYR A 22 5.02 -5.82 3.22
C TYR A 22 6.20 -6.76 3.44
N GLU A 23 7.23 -6.62 2.60
CA GLU A 23 8.42 -7.46 2.71
C GLU A 23 8.97 -7.44 4.13
N HIS A 24 9.43 -8.60 4.60
CA HIS A 24 9.98 -8.72 5.94
C HIS A 24 10.46 -10.14 6.21
N THR A 25 9.62 -11.11 5.87
CA THR A 25 9.95 -12.52 6.07
C THR A 25 9.42 -13.38 4.93
N MET A 26 8.20 -13.10 4.50
CA MET A 26 7.58 -13.84 3.42
C MET A 26 8.30 -13.58 2.09
N LEU A 27 8.15 -12.37 1.58
CA LEU A 27 8.78 -11.99 0.31
C LEU A 27 10.24 -11.62 0.53
N GLN A 28 10.58 -11.25 1.77
CA GLN A 28 11.95 -10.88 2.11
C GLN A 28 12.93 -11.95 1.65
N LYS A 29 12.59 -13.21 1.91
CA LYS A 29 13.45 -14.33 1.53
C LYS A 29 12.75 -15.22 0.51
N LYS A 30 11.42 -15.21 0.53
CA LYS A 30 10.63 -16.01 -0.40
C LYS A 30 10.89 -17.50 -0.17
#